data_9MSX
#
_entry.id   9MSX
#
_cell.length_a   47.907
_cell.length_b   47.907
_cell.length_c   342.687
_cell.angle_alpha   90.000
_cell.angle_beta   90.000
_cell.angle_gamma   120.000
#
_symmetry.space_group_name_H-M   'P 61'
#
loop_
_entity.id
_entity.type
_entity.pdbx_description
1 polymer 'Heat shock protein 90 homolog'
2 non-polymer (4P)-3-ethyl-4-[(4P)-4-[(4M)-4-(1-methyl-1H-pyrazol-4-yl)-1H-imidazol-1-yl]-3-(propan-2-yl)-1H-pyrazolo[3,4-b]pyridin-1-yl]benzamide
3 non-polymer 1,2-ETHANEDIOL
4 water water
#
_entity_poly.entity_id   1
_entity_poly.type   'polypeptide(L)'
_entity_poly.pdbx_seq_one_letter_code
;MADAKVETHEFTAEISQLMSLIINTVYSNKEIFLRELISNASDALDKIRYQALSDPSQLESEPELFIRIIPQKDQKVLEI
RDSGIGMTKADLVNNLGTIAKSGTKSFMEALSAGADVSMIGQFGVGFYSLFLVADHVQVISKHNDDEQYVWESNAGGKFT
VTLDETNERLGRGTMLRLFLKEDQLEYLEEKRIKEVVKKHSEFVAYPIQLVVTKEVEKNLYFQSGSHHHHHH
;
_entity_poly.pdbx_strand_id   A,B
#
# COMPACT_ATOMS: atom_id res chain seq x y z
N LYS A 5 -5.62 -18.88 25.99
CA LYS A 5 -7.05 -18.63 25.68
C LYS A 5 -7.33 -17.14 25.46
N VAL A 6 -7.64 -16.39 26.52
CA VAL A 6 -8.00 -14.97 26.34
C VAL A 6 -6.88 -14.08 26.90
N GLU A 7 -6.08 -13.48 26.03
CA GLU A 7 -5.05 -12.52 26.49
C GLU A 7 -5.70 -11.15 26.54
N THR A 8 -5.29 -10.27 27.44
CA THR A 8 -5.77 -8.89 27.51
C THR A 8 -4.55 -8.03 27.49
N HIS A 9 -4.63 -6.91 26.78
CA HIS A 9 -3.49 -6.03 26.66
C HIS A 9 -4.00 -4.61 26.75
N GLU A 10 -3.18 -3.74 27.27
CA GLU A 10 -3.55 -2.34 27.39
C GLU A 10 -3.08 -1.57 26.16
N PHE A 11 -3.89 -0.59 25.74
CA PHE A 11 -3.47 0.36 24.72
C PHE A 11 -2.57 1.42 25.36
N THR A 12 -1.48 1.73 24.70
CA THR A 12 -0.72 2.94 24.98
C THR A 12 -1.63 4.14 25.21
N ALA A 13 -1.17 5.06 26.06
CA ALA A 13 -1.90 6.28 26.35
C ALA A 13 -2.28 7.03 25.10
N GLU A 14 -1.31 7.18 24.18
CA GLU A 14 -1.52 7.96 22.97
C GLU A 14 -2.53 7.28 22.06
N ILE A 15 -2.54 5.96 22.04
CA ILE A 15 -3.47 5.26 21.16
C ILE A 15 -4.88 5.39 21.69
N SER A 16 -5.05 5.34 23.01
CA SER A 16 -6.36 5.60 23.62
C SER A 16 -6.80 7.04 23.40
N GLN A 17 -5.86 7.98 23.46
CA GLN A 17 -6.17 9.38 23.14
C GLN A 17 -6.71 9.51 21.72
N LEU A 18 -6.12 8.79 20.77
CA LEU A 18 -6.53 8.89 19.35
C LEU A 18 -7.88 8.16 19.18
N MET A 19 -8.07 7.01 19.81
CA MET A 19 -9.31 6.21 19.66
C MET A 19 -10.48 6.98 20.28
N SER A 20 -10.24 7.75 21.32
CA SER A 20 -11.28 8.58 21.98
C SER A 20 -11.55 9.82 21.16
N LEU A 21 -10.53 10.39 20.53
CA LEU A 21 -10.74 11.54 19.63
C LEU A 21 -11.65 11.07 18.49
N ILE A 22 -11.50 9.84 18.03
CA ILE A 22 -12.23 9.39 16.85
C ILE A 22 -13.69 9.11 17.20
N ILE A 23 -13.92 8.40 18.31
CA ILE A 23 -15.28 8.03 18.63
C ILE A 23 -16.10 9.27 18.90
N ASN A 24 -15.52 10.25 19.60
CA ASN A 24 -16.29 11.40 20.08
C ASN A 24 -16.37 12.54 19.09
N THR A 25 -15.58 12.51 18.01
CA THR A 25 -15.63 13.63 17.07
C THR A 25 -16.96 13.67 16.29
N VAL A 26 -17.39 14.87 15.92
CA VAL A 26 -18.57 15.02 15.08
C VAL A 26 -18.19 15.37 13.63
N TYR A 27 -16.94 15.07 13.21
CA TYR A 27 -16.56 15.07 11.80
C TYR A 27 -17.78 14.71 10.92
N SER A 28 -18.01 15.50 9.87
CA SER A 28 -19.27 15.41 9.12
C SER A 28 -19.32 14.15 8.26
N ASN A 29 -18.25 13.85 7.53
CA ASN A 29 -18.27 12.78 6.54
C ASN A 29 -17.71 11.47 7.10
N LYS A 30 -18.49 10.86 8.00
CA LYS A 30 -18.04 9.63 8.64
C LYS A 30 -18.00 8.43 7.70
N GLU A 31 -18.65 8.50 6.54
CA GLU A 31 -18.63 7.36 5.61
C GLU A 31 -17.22 6.95 5.18
N ILE A 32 -16.24 7.82 5.27
CA ILE A 32 -14.87 7.46 4.91
C ILE A 32 -14.40 6.20 5.67
N PHE A 33 -15.04 5.88 6.81
CA PHE A 33 -14.65 4.68 7.56
C PHE A 33 -14.60 3.46 6.63
N LEU A 34 -15.52 3.39 5.66
CA LEU A 34 -15.63 2.18 4.85
C LEU A 34 -14.63 2.17 3.70
N ARG A 35 -14.30 3.32 3.13
CA ARG A 35 -13.16 3.37 2.21
C ARG A 35 -11.86 2.92 2.89
N GLU A 36 -11.62 3.38 4.13
CA GLU A 36 -10.46 2.91 4.86
C GLU A 36 -10.48 1.40 5.07
N LEU A 37 -11.64 0.84 5.42
CA LEU A 37 -11.63 -0.60 5.72
C LEU A 37 -11.52 -1.44 4.44
N ILE A 38 -12.18 -1.00 3.35
CA ILE A 38 -12.00 -1.65 2.07
C ILE A 38 -10.55 -1.53 1.62
N SER A 39 -9.95 -0.37 1.87
CA SER A 39 -8.58 -0.20 1.47
C SER A 39 -7.71 -1.23 2.20
N ASN A 40 -7.89 -1.37 3.52
CA ASN A 40 -7.12 -2.40 4.23
C ASN A 40 -7.37 -3.80 3.66
N ALA A 41 -8.61 -4.08 3.26
CA ALA A 41 -8.93 -5.36 2.62
C ALA A 41 -8.22 -5.54 1.27
N SER A 42 -8.28 -4.53 0.39
CA SER A 42 -7.55 -4.60 -0.88
C SER A 42 -6.05 -4.83 -0.65
N ASP A 43 -5.47 -4.20 0.35
CA ASP A 43 -4.06 -4.42 0.63
C ASP A 43 -3.80 -5.87 1.05
N ALA A 44 -4.63 -6.38 1.97
CA ALA A 44 -4.42 -7.74 2.49
C ALA A 44 -4.51 -8.74 1.34
N LEU A 45 -5.41 -8.46 0.38
CA LEU A 45 -5.55 -9.27 -0.83
C LEU A 45 -4.36 -9.08 -1.78
N ASP A 46 -3.90 -7.85 -1.98
CA ASP A 46 -2.67 -7.72 -2.76
C ASP A 46 -1.55 -8.59 -2.21
N LYS A 47 -1.49 -8.76 -0.89
CA LYS A 47 -0.35 -9.45 -0.29
C LYS A 47 -0.38 -10.95 -0.61
N ILE A 48 -1.53 -11.59 -0.43
CA ILE A 48 -1.65 -13.03 -0.69
C ILE A 48 -1.56 -13.33 -2.19
N ARG A 49 -2.12 -12.46 -3.03
CA ARG A 49 -2.01 -12.67 -4.48
C ARG A 49 -0.55 -12.70 -4.91
N TYR A 50 0.23 -11.72 -4.46
CA TYR A 50 1.63 -11.66 -4.85
C TYR A 50 2.41 -12.86 -4.31
N GLN A 51 2.21 -13.17 -3.02
CA GLN A 51 2.96 -14.28 -2.45
C GLN A 51 2.65 -15.61 -3.17
N ALA A 52 1.40 -15.78 -3.61
CA ALA A 52 0.95 -16.99 -4.31
C ALA A 52 1.52 -17.14 -5.71
N LEU A 53 1.97 -16.04 -6.34
CA LEU A 53 2.56 -16.11 -7.67
C LEU A 53 3.75 -17.07 -7.71
N SER A 54 4.60 -17.01 -6.68
CA SER A 54 5.73 -17.91 -6.54
C SER A 54 5.45 -19.06 -5.58
N ASP A 55 4.26 -19.15 -4.99
CA ASP A 55 3.90 -20.27 -4.12
C ASP A 55 2.40 -20.50 -4.18
N PRO A 56 1.92 -21.10 -5.28
CA PRO A 56 0.47 -21.24 -5.47
C PRO A 56 -0.24 -21.98 -4.35
N SER A 57 0.47 -22.76 -3.55
CA SER A 57 -0.20 -23.46 -2.46
C SER A 57 -0.64 -22.56 -1.32
N GLN A 58 -0.23 -21.29 -1.30
CA GLN A 58 -0.72 -20.38 -0.29
C GLN A 58 -2.20 -20.07 -0.48
N LEU A 59 -2.74 -20.33 -1.67
CA LEU A 59 -4.15 -20.09 -1.92
C LEU A 59 -5.07 -21.31 -1.68
N GLU A 60 -4.55 -22.48 -1.37
CA GLU A 60 -5.46 -23.61 -1.25
C GLU A 60 -6.32 -23.55 0.02
N SER A 61 -6.14 -22.56 0.89
CA SER A 61 -7.01 -22.34 2.03
C SER A 61 -8.27 -21.57 1.67
N GLU A 62 -8.27 -20.85 0.58
CA GLU A 62 -9.40 -20.14 0.00
C GLU A 62 -8.93 -19.71 -1.37
N PRO A 63 -9.45 -20.32 -2.44
CA PRO A 63 -8.99 -19.95 -3.79
C PRO A 63 -9.47 -18.61 -4.31
N GLU A 64 -10.61 -18.11 -3.87
CA GLU A 64 -11.15 -16.88 -4.43
C GLU A 64 -10.71 -15.67 -3.62
N LEU A 65 -10.50 -14.58 -4.33
CA LEU A 65 -10.03 -13.32 -3.77
C LEU A 65 -11.16 -12.31 -3.88
N PHE A 66 -11.71 -11.92 -2.73
CA PHE A 66 -12.91 -11.12 -2.76
C PHE A 66 -13.02 -10.31 -1.49
N ILE A 67 -13.96 -9.37 -1.54
CA ILE A 67 -14.34 -8.52 -0.43
C ILE A 67 -15.85 -8.63 -0.31
N ARG A 68 -16.35 -8.73 0.92
CA ARG A 68 -17.76 -9.04 1.13
C ARG A 68 -18.30 -8.25 2.31
N ILE A 69 -19.34 -7.47 2.06
CA ILE A 69 -19.96 -6.63 3.07
C ILE A 69 -21.28 -7.27 3.44
N ILE A 70 -21.51 -7.56 4.72
CA ILE A 70 -22.70 -8.26 5.19
C ILE A 70 -23.30 -7.39 6.33
N PRO A 71 -24.35 -6.61 6.01
CA PRO A 71 -25.15 -6.04 7.13
C PRO A 71 -25.90 -7.13 7.89
N GLN A 72 -26.02 -6.95 9.21
CA GLN A 72 -26.80 -7.88 10.06
C GLN A 72 -27.68 -6.98 10.92
N LYS A 73 -28.84 -6.61 10.36
CA LYS A 73 -29.71 -5.65 11.05
C LYS A 73 -30.15 -6.19 12.41
N ASP A 74 -30.49 -7.46 12.50
CA ASP A 74 -30.93 -7.99 13.79
C ASP A 74 -29.90 -7.68 14.88
N GLN A 75 -28.63 -7.91 14.57
CA GLN A 75 -27.56 -7.67 15.52
C GLN A 75 -27.05 -6.22 15.50
N LYS A 76 -27.52 -5.38 14.58
CA LYS A 76 -27.00 -4.01 14.44
C LYS A 76 -25.48 -4.01 14.21
N VAL A 77 -25.03 -4.95 13.40
CA VAL A 77 -23.62 -5.16 13.11
C VAL A 77 -23.45 -5.06 11.61
N LEU A 78 -22.38 -4.40 11.19
CA LEU A 78 -21.94 -4.35 9.81
C LEU A 78 -20.67 -5.16 9.65
N GLU A 79 -20.69 -6.15 8.77
CA GLU A 79 -19.59 -7.10 8.70
C GLU A 79 -18.82 -6.78 7.43
N ILE A 80 -17.50 -6.89 7.50
CA ILE A 80 -16.61 -6.64 6.36
C ILE A 80 -15.59 -7.74 6.29
N ARG A 81 -15.67 -8.55 5.25
CA ARG A 81 -14.83 -9.73 5.13
C ARG A 81 -14.01 -9.69 3.85
N ASP A 82 -12.81 -10.26 3.93
CA ASP A 82 -11.96 -10.46 2.76
C ASP A 82 -11.29 -11.83 2.88
N SER A 83 -10.84 -12.33 1.72
CA SER A 83 -9.94 -13.47 1.62
C SER A 83 -8.45 -13.07 1.51
N GLY A 84 -8.05 -11.98 2.13
CA GLY A 84 -6.67 -11.58 2.08
C GLY A 84 -5.79 -12.50 2.90
N ILE A 85 -4.64 -11.98 3.29
CA ILE A 85 -3.60 -12.79 3.89
C ILE A 85 -3.86 -13.01 5.35
N GLY A 86 -4.68 -12.21 5.97
CA GLY A 86 -5.00 -12.47 7.34
C GLY A 86 -3.89 -11.98 8.24
N MET A 87 -3.99 -12.41 9.49
CA MET A 87 -3.17 -11.85 10.56
C MET A 87 -2.94 -12.91 11.62
N THR A 88 -1.69 -13.04 12.03
CA THR A 88 -1.33 -14.01 13.05
C THR A 88 -1.59 -13.41 14.44
N LYS A 89 -1.48 -14.23 15.47
CA LYS A 89 -1.59 -13.65 16.81
C LYS A 89 -0.45 -12.68 17.07
N ALA A 90 0.77 -13.00 16.57
CA ALA A 90 1.90 -12.08 16.70
C ALA A 90 1.62 -10.73 15.99
N ASP A 91 0.94 -10.77 14.83
CA ASP A 91 0.49 -9.54 14.19
C ASP A 91 -0.50 -8.82 15.08
N LEU A 92 -1.43 -9.59 15.67
CA LEU A 92 -2.54 -8.99 16.42
C LEU A 92 -2.06 -8.39 17.74
N VAL A 93 -1.16 -9.06 18.43
CA VAL A 93 -0.76 -8.61 19.75
C VAL A 93 0.37 -7.58 19.65
N ASN A 94 1.50 -7.97 19.06
CA ASN A 94 2.70 -7.12 19.06
C ASN A 94 2.94 -6.34 17.77
N ASN A 95 2.94 -7.00 16.60
CA ASN A 95 3.54 -6.41 15.41
C ASN A 95 2.71 -5.25 14.86
N LEU A 96 1.40 -5.35 14.88
CA LEU A 96 0.59 -4.19 14.55
C LEU A 96 0.53 -3.21 15.72
N GLY A 97 0.87 -3.66 16.93
CA GLY A 97 1.05 -2.73 18.02
C GLY A 97 2.04 -1.65 17.67
N THR A 98 3.23 -2.06 17.21
CA THR A 98 4.25 -1.07 16.91
C THR A 98 3.94 -0.30 15.63
N ILE A 99 3.24 -0.89 14.67
CA ILE A 99 2.78 -0.09 13.55
C ILE A 99 1.72 0.91 14.00
N ALA A 100 0.79 0.49 14.87
CA ALA A 100 -0.22 1.39 15.43
C ALA A 100 0.39 2.53 16.25
N LYS A 101 1.37 2.23 17.11
CA LYS A 101 2.01 3.28 17.90
C LYS A 101 2.65 4.33 17.00
N SER A 102 3.49 3.92 16.05
CA SER A 102 4.17 4.88 15.19
C SER A 102 3.18 5.66 14.33
N GLY A 103 2.21 4.98 13.73
CA GLY A 103 1.26 5.68 12.90
C GLY A 103 0.41 6.67 13.66
N THR A 104 0.13 6.34 14.95
CA THR A 104 -0.64 7.23 15.82
C THR A 104 0.15 8.47 16.18
N LYS A 105 1.41 8.30 16.60
CA LYS A 105 2.31 9.44 16.80
C LYS A 105 2.29 10.36 15.57
N SER A 106 2.50 9.81 14.38
CA SER A 106 2.56 10.68 13.21
C SER A 106 1.20 11.29 12.95
N PHE A 107 0.11 10.51 13.10
CA PHE A 107 -1.20 11.04 12.78
C PHE A 107 -1.60 12.16 13.75
N MET A 108 -1.24 12.02 15.03
CA MET A 108 -1.55 13.10 15.97
C MET A 108 -0.79 14.38 15.62
N GLU A 109 0.49 14.26 15.26
CA GLU A 109 1.27 15.44 14.84
C GLU A 109 0.60 16.13 13.67
N ALA A 110 0.12 15.36 12.71
CA ALA A 110 -0.62 15.94 11.58
C ALA A 110 -1.91 16.64 12.03
N LEU A 111 -2.68 16.03 12.95
CA LEU A 111 -3.93 16.67 13.38
C LEU A 111 -3.62 17.99 14.09
N SER A 112 -2.66 17.95 15.00
CA SER A 112 -2.19 19.20 15.64
C SER A 112 -1.64 20.22 14.64
N ALA A 113 -1.61 19.89 13.36
CA ALA A 113 -1.23 20.84 12.33
C ALA A 113 -2.36 21.08 11.36
N GLY A 114 -3.60 20.87 11.82
CA GLY A 114 -4.77 21.15 11.01
C GLY A 114 -5.09 20.11 9.98
N ALA A 115 -4.51 18.91 10.09
CA ALA A 115 -4.84 17.80 9.20
C ALA A 115 -6.20 17.21 9.59
N ASP A 116 -6.68 16.30 8.74
CA ASP A 116 -8.03 15.78 8.83
C ASP A 116 -8.11 14.29 9.16
N VAL A 117 -9.21 13.91 9.81
CA VAL A 117 -9.44 12.51 10.11
C VAL A 117 -9.57 11.68 8.85
N SER A 118 -9.97 12.28 7.74
CA SER A 118 -10.04 11.52 6.49
C SER A 118 -8.67 11.30 5.87
N MET A 119 -7.61 11.85 6.46
CA MET A 119 -6.26 11.52 6.07
C MET A 119 -5.70 10.36 6.88
N ILE A 120 -6.48 9.78 7.78
CA ILE A 120 -5.93 8.79 8.68
C ILE A 120 -5.27 7.65 7.93
N GLY A 121 -5.75 7.35 6.73
CA GLY A 121 -5.29 6.17 6.04
C GLY A 121 -3.87 6.26 5.58
N GLN A 122 -3.34 7.47 5.37
CA GLN A 122 -1.95 7.67 5.01
C GLN A 122 -0.98 7.33 6.15
N PHE A 123 -1.49 7.12 7.35
CA PHE A 123 -0.65 6.86 8.50
C PHE A 123 -0.68 5.41 8.96
N GLY A 124 -1.36 4.53 8.21
CA GLY A 124 -1.33 3.11 8.49
C GLY A 124 -2.28 2.65 9.56
N VAL A 125 -3.15 3.54 10.03
CA VAL A 125 -4.04 3.27 11.16
C VAL A 125 -5.49 3.53 10.73
N GLY A 126 -5.76 3.44 9.44
CA GLY A 126 -7.12 3.64 8.97
C GLY A 126 -8.14 2.81 9.74
N PHE A 127 -7.78 1.60 10.12
CA PHE A 127 -8.66 0.70 10.85
C PHE A 127 -9.40 1.39 12.01
N TYR A 128 -8.73 2.32 12.71
CA TYR A 128 -9.31 3.03 13.84
C TYR A 128 -10.42 4.00 13.42
N SER A 129 -10.55 4.30 12.13
CA SER A 129 -11.65 5.14 11.68
C SER A 129 -13.01 4.47 11.82
N LEU A 130 -13.06 3.20 12.17
CA LEU A 130 -14.35 2.55 12.34
C LEU A 130 -15.08 3.12 13.55
N PHE A 131 -14.35 3.73 14.47
CA PHE A 131 -15.00 4.32 15.63
C PHE A 131 -15.73 5.60 15.26
N LEU A 132 -15.61 6.10 14.04
CA LEU A 132 -16.51 7.16 13.60
C LEU A 132 -17.95 6.68 13.65
N VAL A 133 -18.21 5.40 13.41
CA VAL A 133 -19.57 4.88 13.29
C VAL A 133 -19.88 3.74 14.23
N ALA A 134 -18.90 3.25 14.98
CA ALA A 134 -19.08 2.04 15.76
C ALA A 134 -18.42 2.24 17.12
N ASP A 135 -19.01 1.65 18.16
CA ASP A 135 -18.41 1.78 19.48
C ASP A 135 -17.73 0.48 19.91
N HIS A 136 -17.83 -0.58 19.12
CA HIS A 136 -17.18 -1.83 19.49
C HIS A 136 -16.84 -2.56 18.21
N VAL A 137 -15.74 -3.31 18.25
CA VAL A 137 -15.31 -4.05 17.06
C VAL A 137 -14.78 -5.41 17.46
N GLN A 138 -15.11 -6.42 16.66
CA GLN A 138 -14.46 -7.71 16.72
C GLN A 138 -13.75 -7.99 15.40
N VAL A 139 -12.55 -8.55 15.49
CA VAL A 139 -11.74 -8.83 14.31
C VAL A 139 -11.46 -10.32 14.32
N ILE A 140 -12.05 -11.05 13.38
CA ILE A 140 -11.75 -12.46 13.17
C ILE A 140 -10.77 -12.58 12.00
N SER A 141 -9.64 -13.23 12.27
CA SER A 141 -8.60 -13.31 11.27
C SER A 141 -7.95 -14.68 11.27
N LYS A 142 -7.62 -15.15 10.07
CA LYS A 142 -7.02 -16.47 9.90
C LYS A 142 -5.88 -16.31 8.91
N HIS A 143 -4.67 -16.55 9.39
CA HIS A 143 -3.46 -16.53 8.59
C HIS A 143 -3.08 -17.98 8.31
N ASN A 144 -2.62 -18.26 7.09
CA ASN A 144 -1.91 -19.51 6.84
C ASN A 144 -0.78 -19.68 7.86
N ASP A 145 -0.63 -20.89 8.39
N ASP A 145 -0.63 -20.89 8.39
CA ASP A 145 0.44 -21.24 9.33
CA ASP A 145 0.44 -21.23 9.34
C ASP A 145 0.16 -20.74 10.74
C ASP A 145 0.16 -20.72 10.74
N ASP A 146 -1.03 -20.24 11.02
CA ASP A 146 -1.42 -19.91 12.38
C ASP A 146 -2.89 -20.23 12.48
N GLU A 147 -3.40 -20.18 13.71
CA GLU A 147 -4.81 -20.46 13.97
C GLU A 147 -5.66 -19.20 13.79
N GLN A 148 -6.96 -19.37 13.93
CA GLN A 148 -7.92 -18.28 13.84
C GLN A 148 -8.12 -17.63 15.21
N TYR A 149 -8.23 -16.31 15.20
CA TYR A 149 -8.23 -15.53 16.42
C TYR A 149 -9.27 -14.44 16.31
N VAL A 150 -9.66 -13.91 17.46
CA VAL A 150 -10.61 -12.82 17.57
C VAL A 150 -9.96 -11.76 18.45
N TRP A 151 -9.72 -10.60 17.87
CA TRP A 151 -9.23 -9.40 18.53
C TRP A 151 -10.43 -8.54 18.81
N GLU A 152 -10.47 -7.96 19.99
CA GLU A 152 -11.68 -7.26 20.40
C GLU A 152 -11.38 -6.05 21.24
N SER A 153 -12.13 -4.98 20.98
CA SER A 153 -11.87 -3.73 21.66
C SER A 153 -13.09 -2.84 21.58
N ASN A 154 -13.17 -1.87 22.49
CA ASN A 154 -14.29 -0.93 22.50
C ASN A 154 -13.78 0.50 22.64
N ALA A 155 -12.64 0.79 22.02
CA ALA A 155 -12.06 2.14 21.96
C ALA A 155 -11.47 2.58 23.30
N GLY A 156 -11.72 1.79 24.34
CA GLY A 156 -11.15 2.08 25.64
C GLY A 156 -9.65 1.97 25.61
N GLY A 157 -9.09 1.41 26.67
CA GLY A 157 -7.65 1.23 26.77
C GLY A 157 -7.28 -0.22 26.84
N LYS A 158 -8.26 -1.12 26.71
CA LYS A 158 -7.99 -2.56 26.66
C LYS A 158 -8.59 -3.16 25.38
N PHE A 159 -7.96 -4.25 24.96
CA PHE A 159 -8.42 -5.09 23.85
C PHE A 159 -8.09 -6.51 24.27
N THR A 160 -8.78 -7.47 23.66
CA THR A 160 -8.49 -8.87 23.96
C THR A 160 -8.10 -9.59 22.67
N VAL A 161 -7.40 -10.70 22.82
CA VAL A 161 -7.09 -11.64 21.75
C VAL A 161 -7.49 -13.03 22.25
N THR A 162 -8.38 -13.70 21.53
CA THR A 162 -8.93 -14.97 21.96
C THR A 162 -8.74 -16.01 20.87
N LEU A 163 -8.24 -17.20 21.23
CA LEU A 163 -8.32 -18.33 20.31
C LEU A 163 -9.79 -18.53 19.91
N ASP A 164 -10.03 -18.70 18.62
CA ASP A 164 -11.37 -18.61 18.08
C ASP A 164 -11.93 -20.03 17.99
N GLU A 165 -12.96 -20.28 18.80
CA GLU A 165 -13.58 -21.58 18.90
C GLU A 165 -15.07 -21.56 18.57
N THR A 166 -15.64 -20.41 18.18
CA THR A 166 -17.08 -20.28 18.10
C THR A 166 -17.62 -19.81 16.76
N ASN A 167 -16.81 -19.26 15.86
CA ASN A 167 -17.33 -18.79 14.59
C ASN A 167 -17.03 -19.77 13.45
N GLU A 168 -17.77 -19.61 12.35
CA GLU A 168 -17.42 -20.30 11.13
C GLU A 168 -15.90 -20.17 10.91
N ARG A 169 -15.28 -21.24 10.44
CA ARG A 169 -13.92 -21.12 9.96
C ARG A 169 -13.90 -20.21 8.74
N LEU A 170 -12.94 -19.28 8.72
CA LEU A 170 -12.80 -18.37 7.60
C LEU A 170 -12.08 -19.01 6.43
N GLY A 171 -11.23 -19.99 6.70
CA GLY A 171 -10.39 -20.50 5.63
C GLY A 171 -9.10 -19.73 5.54
N ARG A 172 -9.20 -18.47 5.12
CA ARG A 172 -8.08 -17.52 5.14
C ARG A 172 -8.67 -16.13 5.07
N GLY A 173 -8.14 -15.21 5.88
CA GLY A 173 -8.41 -13.80 5.72
C GLY A 173 -8.92 -13.18 7.00
N THR A 174 -9.77 -12.18 6.83
CA THR A 174 -10.19 -11.33 7.96
C THR A 174 -11.64 -10.94 7.83
N MET A 175 -12.39 -11.10 8.94
CA MET A 175 -13.71 -10.49 9.01
C MET A 175 -13.79 -9.46 10.13
N LEU A 176 -14.29 -8.29 9.83
CA LEU A 176 -14.50 -7.24 10.81
C LEU A 176 -15.97 -7.14 11.09
N ARG A 177 -16.32 -6.99 12.37
CA ARG A 177 -17.70 -6.81 12.81
C ARG A 177 -17.80 -5.48 13.54
N LEU A 178 -18.43 -4.52 12.91
CA LEU A 178 -18.62 -3.20 13.50
C LEU A 178 -20.02 -3.12 14.14
N PHE A 179 -20.03 -3.03 15.46
CA PHE A 179 -21.23 -2.79 16.26
C PHE A 179 -21.54 -1.31 16.16
N LEU A 180 -22.40 -0.98 15.19
CA LEU A 180 -22.66 0.42 14.86
C LEU A 180 -23.23 1.22 16.04
N LYS A 181 -22.83 2.49 16.10
CA LYS A 181 -23.50 3.43 16.99
C LYS A 181 -24.97 3.47 16.62
N GLU A 182 -25.81 3.72 17.64
CA GLU A 182 -27.25 3.76 17.45
C GLU A 182 -27.68 4.82 16.46
N ASP A 183 -26.89 5.88 16.26
CA ASP A 183 -27.23 6.87 15.24
C ASP A 183 -26.55 6.62 13.88
N GLN A 184 -25.89 5.50 13.68
CA GLN A 184 -25.20 5.27 12.41
C GLN A 184 -25.71 4.01 11.70
N LEU A 185 -27.00 3.69 11.89
CA LEU A 185 -27.56 2.47 11.34
C LEU A 185 -27.88 2.58 9.86
N GLU A 186 -27.77 3.77 9.30
CA GLU A 186 -27.81 3.90 7.85
C GLU A 186 -26.84 2.97 7.12
N TYR A 187 -25.70 2.65 7.73
CA TYR A 187 -24.70 1.82 7.08
C TYR A 187 -25.07 0.35 7.12
N LEU A 188 -26.31 0.05 7.48
CA LEU A 188 -26.84 -1.29 7.31
C LEU A 188 -27.74 -1.39 6.09
N GLU A 189 -28.10 -0.25 5.51
CA GLU A 189 -29.05 -0.20 4.40
C GLU A 189 -28.31 -0.37 3.09
N GLU A 190 -28.83 -1.23 2.24
CA GLU A 190 -28.17 -1.59 0.99
C GLU A 190 -27.91 -0.38 0.12
N LYS A 191 -28.91 0.50 0.00
CA LYS A 191 -28.76 1.65 -0.88
C LYS A 191 -27.61 2.52 -0.42
N ARG A 192 -27.53 2.77 0.86
CA ARG A 192 -26.45 3.61 1.39
C ARG A 192 -25.08 2.99 1.12
N ILE A 193 -24.90 1.70 1.44
CA ILE A 193 -23.60 1.05 1.23
C ILE A 193 -23.20 1.15 -0.22
N LYS A 194 -24.12 0.91 -1.13
CA LYS A 194 -23.82 1.07 -2.54
C LYS A 194 -23.40 2.49 -2.83
N GLU A 195 -24.12 3.46 -2.27
CA GLU A 195 -23.72 4.86 -2.38
C GLU A 195 -22.25 5.05 -1.99
N VAL A 196 -21.87 4.56 -0.82
CA VAL A 196 -20.58 4.95 -0.29
C VAL A 196 -19.49 4.19 -1.01
N VAL A 197 -19.77 2.98 -1.41
CA VAL A 197 -18.78 2.17 -2.09
C VAL A 197 -18.49 2.73 -3.49
N LYS A 198 -19.50 3.17 -4.22
CA LYS A 198 -19.27 3.67 -5.55
C LYS A 198 -18.72 5.08 -5.57
N LYS A 199 -18.76 5.82 -4.48
CA LYS A 199 -18.19 7.15 -4.42
C LYS A 199 -16.75 7.15 -3.95
N HIS A 200 -16.36 6.21 -3.08
CA HIS A 200 -15.05 6.25 -2.44
C HIS A 200 -14.24 4.97 -2.69
N SER A 201 -14.53 4.22 -3.75
CA SER A 201 -13.80 2.97 -3.98
C SER A 201 -13.83 2.59 -5.46
N GLU A 202 -13.77 3.58 -6.35
CA GLU A 202 -13.84 3.29 -7.77
C GLU A 202 -12.74 2.31 -8.21
N PHE A 203 -11.53 2.44 -7.63
CA PHE A 203 -10.35 1.71 -8.08
C PHE A 203 -9.98 0.66 -7.04
N VAL A 204 -10.63 -0.49 -7.12
CA VAL A 204 -10.26 -1.69 -6.36
C VAL A 204 -10.27 -2.88 -7.30
N ALA A 205 -9.09 -3.56 -7.44
CA ALA A 205 -8.83 -4.67 -8.34
C ALA A 205 -9.56 -6.05 -7.92
N TYR A 206 -10.43 -6.08 -6.91
CA TYR A 206 -11.10 -7.30 -6.44
C TYR A 206 -12.59 -7.09 -6.36
N PRO A 207 -13.36 -8.15 -6.48
CA PRO A 207 -14.82 -8.02 -6.32
C PRO A 207 -15.21 -7.54 -4.93
N ILE A 208 -16.09 -6.57 -4.87
CA ILE A 208 -16.74 -6.15 -3.63
C ILE A 208 -18.19 -6.62 -3.65
N GLN A 209 -18.46 -7.70 -2.93
CA GLN A 209 -19.80 -8.29 -2.90
C GLN A 209 -20.61 -7.75 -1.74
N LEU A 210 -21.91 -7.57 -1.98
CA LEU A 210 -22.85 -7.12 -0.97
C LEU A 210 -23.94 -8.16 -0.72
N VAL A 211 -24.13 -8.50 0.54
CA VAL A 211 -24.96 -9.63 0.97
C VAL A 211 -26.19 -9.07 1.64
N VAL A 212 -27.30 -9.01 0.91
CA VAL A 212 -28.47 -8.27 1.32
C VAL A 212 -29.55 -9.27 1.72
N THR A 213 -30.07 -9.09 2.92
CA THR A 213 -31.13 -9.95 3.45
C THR A 213 -32.45 -9.20 3.33
N LYS A 214 -33.38 -9.73 2.52
CA LYS A 214 -34.68 -9.11 2.30
C LYS A 214 -35.81 -10.13 2.48
N GLU A 215 -36.85 -9.77 3.19
CA GLU A 215 -37.97 -10.66 3.33
C GLU A 215 -38.71 -10.78 2.00
N VAL A 216 -39.30 -11.94 1.73
CA VAL A 216 -40.09 -12.17 0.49
C VAL A 216 -41.54 -11.81 0.76
N GLU A 217 -42.11 -10.89 0.00
CA GLU A 217 -43.53 -10.49 0.13
C GLU A 217 -44.40 -11.57 -0.51
N LYS A 218 -45.11 -12.36 0.29
CA LYS A 218 -45.94 -13.50 -0.23
C LYS A 218 -47.43 -13.15 -0.10
N LYS B 5 24.74 -13.41 -16.98
CA LYS B 5 24.69 -12.04 -17.45
C LYS B 5 23.37 -11.68 -18.17
N VAL B 6 23.51 -11.06 -19.34
CA VAL B 6 22.44 -10.26 -19.94
C VAL B 6 21.41 -11.17 -20.59
N GLU B 7 20.23 -11.27 -19.98
CA GLU B 7 19.07 -11.89 -20.60
C GLU B 7 18.10 -10.79 -20.98
N THR B 8 17.59 -10.83 -22.21
CA THR B 8 16.59 -9.86 -22.62
C THR B 8 15.22 -10.54 -22.75
N HIS B 9 14.18 -9.75 -22.55
CA HIS B 9 12.81 -10.22 -22.72
C HIS B 9 12.02 -9.11 -23.41
N GLU B 10 10.83 -9.48 -23.86
CA GLU B 10 9.97 -8.59 -24.62
C GLU B 10 8.76 -8.22 -23.78
N PHE B 11 8.34 -6.97 -23.91
CA PHE B 11 7.09 -6.54 -23.31
C PHE B 11 5.93 -7.00 -24.17
N THR B 12 4.78 -7.22 -23.52
CA THR B 12 3.56 -7.52 -24.23
C THR B 12 3.11 -6.32 -25.08
N ALA B 13 2.27 -6.63 -26.06
CA ALA B 13 1.65 -5.59 -26.85
C ALA B 13 0.99 -4.52 -25.97
N GLU B 14 0.24 -4.92 -24.93
CA GLU B 14 -0.48 -3.91 -24.16
C GLU B 14 0.49 -3.09 -23.31
N ILE B 15 1.42 -3.76 -22.61
CA ILE B 15 2.46 -3.01 -21.88
C ILE B 15 3.23 -2.10 -22.84
N SER B 16 3.59 -2.59 -24.02
CA SER B 16 4.32 -1.70 -24.93
C SER B 16 3.43 -0.56 -25.40
N GLN B 17 2.14 -0.82 -25.54
CA GLN B 17 1.21 0.26 -25.85
C GLN B 17 1.20 1.31 -24.76
N LEU B 18 1.11 0.87 -23.49
CA LEU B 18 0.98 1.84 -22.39
C LEU B 18 2.26 2.67 -22.25
N MET B 19 3.42 2.00 -22.29
CA MET B 19 4.73 2.68 -22.12
C MET B 19 4.90 3.70 -23.24
N SER B 20 4.38 3.40 -24.42
CA SER B 20 4.47 4.32 -25.59
C SER B 20 3.50 5.48 -25.39
N LEU B 21 2.32 5.18 -24.85
CA LEU B 21 1.31 6.22 -24.60
C LEU B 21 1.86 7.20 -23.57
N ILE B 22 2.64 6.74 -22.58
CA ILE B 22 3.10 7.63 -21.53
C ILE B 22 4.27 8.48 -22.01
N ILE B 23 5.20 7.88 -22.75
CA ILE B 23 6.39 8.64 -23.12
C ILE B 23 6.04 9.71 -24.14
N ASN B 24 4.86 9.62 -24.76
CA ASN B 24 4.46 10.60 -25.75
C ASN B 24 3.41 11.59 -25.26
N THR B 25 2.67 11.26 -24.21
CA THR B 25 1.61 12.15 -23.80
C THR B 25 2.15 13.57 -23.58
N VAL B 26 1.29 14.56 -23.60
CA VAL B 26 1.68 15.93 -23.40
C VAL B 26 1.09 16.49 -22.09
N TYR B 27 0.61 15.62 -21.21
CA TYR B 27 0.25 15.96 -19.83
C TYR B 27 1.11 17.09 -19.25
N SER B 28 0.48 17.99 -18.49
CA SER B 28 1.11 19.20 -17.99
C SER B 28 1.28 19.21 -16.47
N ASN B 29 1.03 18.08 -15.81
CA ASN B 29 1.44 17.89 -14.42
C ASN B 29 2.43 16.72 -14.30
N LYS B 30 3.54 16.76 -15.05
CA LYS B 30 4.44 15.63 -15.11
C LYS B 30 5.23 15.42 -13.83
N GLU B 31 5.24 16.39 -12.91
CA GLU B 31 5.93 16.21 -11.63
C GLU B 31 5.38 15.05 -10.80
N ILE B 32 4.19 14.53 -11.12
CA ILE B 32 3.62 13.46 -10.32
C ILE B 32 4.43 12.18 -10.48
N PHE B 33 5.28 12.10 -11.51
CA PHE B 33 6.16 10.93 -11.63
C PHE B 33 6.95 10.69 -10.35
N LEU B 34 7.32 11.77 -9.65
CA LEU B 34 8.17 11.61 -8.48
C LEU B 34 7.38 11.14 -7.26
N ARG B 35 6.15 11.63 -7.10
CA ARG B 35 5.24 11.05 -6.10
C ARG B 35 5.15 9.52 -6.24
N GLU B 36 4.98 9.02 -7.47
CA GLU B 36 4.77 7.60 -7.64
C GLU B 36 6.00 6.79 -7.25
N LEU B 37 7.19 7.28 -7.60
CA LEU B 37 8.40 6.52 -7.28
C LEU B 37 8.71 6.56 -5.79
N ILE B 38 8.52 7.74 -5.17
CA ILE B 38 8.63 7.85 -3.73
C ILE B 38 7.64 6.94 -3.03
N SER B 39 6.41 6.94 -3.51
CA SER B 39 5.43 6.04 -2.90
C SER B 39 5.85 4.58 -3.03
N ASN B 40 6.37 4.19 -4.18
CA ASN B 40 6.91 2.83 -4.35
C ASN B 40 7.99 2.52 -3.32
N ALA B 41 8.92 3.46 -3.11
CA ALA B 41 10.02 3.26 -2.16
C ALA B 41 9.50 3.19 -0.73
N SER B 42 8.69 4.17 -0.32
CA SER B 42 7.87 4.02 0.88
C SER B 42 7.31 2.61 1.09
N ASP B 43 6.60 2.08 0.07
CA ASP B 43 6.04 0.74 0.21
C ASP B 43 7.13 -0.28 0.50
N ALA B 44 8.27 -0.16 -0.18
CA ALA B 44 9.33 -1.16 0.01
C ALA B 44 9.98 -1.02 1.38
N LEU B 45 10.05 0.20 1.92
CA LEU B 45 10.51 0.40 3.27
C LEU B 45 9.54 -0.21 4.29
N ASP B 46 8.23 0.05 4.12
CA ASP B 46 7.25 -0.57 5.01
C ASP B 46 7.40 -2.09 5.08
N LYS B 47 7.63 -2.72 3.93
CA LYS B 47 7.76 -4.17 3.89
C LYS B 47 8.98 -4.65 4.68
N ILE B 48 10.14 -4.04 4.47
CA ILE B 48 11.32 -4.54 5.16
C ILE B 48 11.17 -4.25 6.65
N ARG B 49 10.55 -3.12 6.99
CA ARG B 49 10.38 -2.75 8.39
C ARG B 49 9.46 -3.75 9.06
N TYR B 50 8.33 -4.06 8.43
CA TYR B 50 7.42 -5.03 9.04
C TYR B 50 8.12 -6.37 9.19
N GLN B 51 8.78 -6.81 8.12
CA GLN B 51 9.47 -8.10 8.14
C GLN B 51 10.45 -8.18 9.30
N ALA B 52 11.20 -7.09 9.52
CA ALA B 52 12.18 -7.03 10.61
C ALA B 52 11.53 -7.20 11.97
N LEU B 53 10.25 -6.80 12.13
CA LEU B 53 9.64 -6.85 13.46
C LEU B 53 9.54 -8.26 14.02
N SER B 54 9.61 -9.31 13.19
CA SER B 54 9.74 -10.68 13.70
C SER B 54 11.11 -11.30 13.39
N ASP B 55 12.03 -10.53 12.80
CA ASP B 55 13.39 -10.99 12.54
C ASP B 55 14.31 -9.83 12.19
N PRO B 56 14.84 -9.12 13.18
CA PRO B 56 15.72 -7.97 12.88
C PRO B 56 16.95 -8.36 12.09
N SER B 57 17.29 -9.64 12.05
CA SER B 57 18.46 -10.01 11.26
C SER B 57 18.29 -9.53 9.83
N GLN B 58 17.03 -9.45 9.36
CA GLN B 58 16.77 -9.01 8.00
C GLN B 58 17.17 -7.55 7.77
N LEU B 59 17.33 -6.78 8.85
CA LEU B 59 17.84 -5.43 8.73
C LEU B 59 19.35 -5.38 8.59
N GLU B 60 20.05 -6.48 8.93
CA GLU B 60 21.49 -6.41 9.01
C GLU B 60 22.10 -6.03 7.66
N SER B 61 21.39 -6.29 6.57
CA SER B 61 21.95 -5.93 5.27
C SER B 61 22.15 -4.43 5.13
N GLU B 62 21.47 -3.62 5.94
CA GLU B 62 21.51 -2.16 5.86
C GLU B 62 20.59 -1.65 6.95
N PRO B 63 21.12 -1.30 8.13
CA PRO B 63 20.24 -1.08 9.28
C PRO B 63 19.40 0.17 9.19
N GLU B 64 19.69 1.06 8.25
CA GLU B 64 18.98 2.33 8.16
C GLU B 64 17.87 2.28 7.12
N LEU B 65 16.78 2.98 7.42
CA LEU B 65 15.62 3.03 6.57
C LEU B 65 15.47 4.44 6.02
N PHE B 66 15.59 4.58 4.69
CA PHE B 66 15.61 5.93 4.15
C PHE B 66 15.35 5.95 2.66
N ILE B 67 15.02 7.14 2.19
CA ILE B 67 14.88 7.45 0.78
C ILE B 67 15.86 8.59 0.47
N ARG B 68 16.59 8.47 -0.63
CA ARG B 68 17.67 9.40 -0.96
C ARG B 68 17.59 9.73 -2.44
N ILE B 69 17.38 10.99 -2.74
CA ILE B 69 17.32 11.48 -4.12
C ILE B 69 18.65 12.14 -4.46
N ILE B 70 19.22 11.74 -5.60
CA ILE B 70 20.54 12.19 -6.04
C ILE B 70 20.53 12.68 -7.48
N PRO B 71 20.47 13.97 -7.70
CA PRO B 71 20.62 14.49 -9.06
C PRO B 71 22.08 14.39 -9.51
N GLN B 72 22.27 13.97 -10.75
CA GLN B 72 23.60 13.80 -11.35
C GLN B 72 23.63 14.66 -12.59
N LYS B 73 23.91 15.94 -12.40
CA LYS B 73 23.79 16.87 -13.52
C LYS B 73 24.70 16.42 -14.65
N ASP B 74 25.88 15.88 -14.33
CA ASP B 74 26.82 15.51 -15.38
C ASP B 74 26.17 14.52 -16.33
N GLN B 75 25.64 13.43 -15.79
CA GLN B 75 25.06 12.38 -16.62
C GLN B 75 23.63 12.70 -17.02
N LYS B 76 23.05 13.82 -16.55
CA LYS B 76 21.65 14.15 -16.80
C LYS B 76 20.73 13.05 -16.29
N VAL B 77 21.08 12.49 -15.16
CA VAL B 77 20.39 11.36 -14.57
C VAL B 77 19.86 11.79 -13.22
N LEU B 78 18.65 11.31 -12.88
CA LEU B 78 18.10 11.51 -11.56
C LEU B 78 18.00 10.16 -10.88
N GLU B 79 18.58 10.07 -9.71
CA GLU B 79 18.71 8.83 -8.96
C GLU B 79 17.79 8.94 -7.76
N ILE B 80 16.99 7.91 -7.53
CA ILE B 80 16.07 7.82 -6.41
C ILE B 80 16.38 6.49 -5.77
N ARG B 81 16.92 6.54 -4.56
CA ARG B 81 17.39 5.35 -3.85
C ARG B 81 16.57 5.12 -2.60
N ASP B 82 16.30 3.85 -2.29
CA ASP B 82 15.74 3.49 -0.99
C ASP B 82 16.41 2.23 -0.47
N SER B 83 16.39 2.06 0.87
CA SER B 83 16.85 0.89 1.58
C SER B 83 15.67 -0.02 1.94
N GLY B 84 14.67 -0.04 1.09
CA GLY B 84 13.56 -0.95 1.18
C GLY B 84 13.96 -2.39 1.03
N ILE B 85 12.95 -3.24 0.85
CA ILE B 85 13.13 -4.68 0.78
C ILE B 85 13.75 -5.11 -0.54
N GLY B 86 13.66 -4.29 -1.57
CA GLY B 86 14.26 -4.63 -2.83
C GLY B 86 13.50 -5.69 -3.59
N MET B 87 14.13 -6.08 -4.69
CA MET B 87 13.48 -6.94 -5.67
C MET B 87 14.43 -8.02 -6.17
N THR B 88 13.95 -9.25 -6.14
CA THR B 88 14.66 -10.43 -6.59
C THR B 88 14.63 -10.53 -8.11
N LYS B 89 15.46 -11.44 -8.63
CA LYS B 89 15.40 -11.77 -10.05
C LYS B 89 13.98 -12.17 -10.45
N ALA B 90 13.34 -13.04 -9.66
CA ALA B 90 11.99 -13.49 -9.93
C ALA B 90 11.01 -12.32 -9.90
N ASP B 91 11.10 -11.49 -8.85
CA ASP B 91 10.30 -10.27 -8.83
C ASP B 91 10.39 -9.56 -10.17
N LEU B 92 11.64 -9.35 -10.67
CA LEU B 92 11.92 -8.44 -11.75
C LEU B 92 11.54 -8.97 -13.12
N VAL B 93 11.43 -10.31 -13.26
CA VAL B 93 11.05 -10.97 -14.50
C VAL B 93 9.65 -11.61 -14.37
N ASN B 94 9.54 -12.74 -13.66
CA ASN B 94 8.24 -13.35 -13.39
C ASN B 94 7.25 -12.40 -12.68
N ASN B 95 7.36 -12.28 -11.36
CA ASN B 95 6.23 -11.81 -10.57
C ASN B 95 5.81 -10.39 -10.95
N LEU B 96 6.76 -9.47 -11.04
CA LEU B 96 6.27 -8.12 -11.33
C LEU B 96 5.68 -8.07 -12.72
N GLY B 97 6.14 -8.94 -13.63
CA GLY B 97 5.52 -9.03 -14.95
C GLY B 97 4.03 -9.28 -14.86
N THR B 98 3.63 -10.22 -13.99
CA THR B 98 2.21 -10.53 -13.82
C THR B 98 1.44 -9.32 -13.34
N ILE B 99 2.00 -8.60 -12.39
CA ILE B 99 1.39 -7.39 -11.84
C ILE B 99 1.24 -6.33 -12.92
N ALA B 100 2.31 -6.11 -13.67
CA ALA B 100 2.26 -5.10 -14.73
C ALA B 100 1.18 -5.43 -15.73
N LYS B 101 1.10 -6.69 -16.13
CA LYS B 101 0.17 -7.06 -17.20
C LYS B 101 -1.27 -6.79 -16.77
N SER B 102 -1.61 -7.12 -15.52
CA SER B 102 -2.98 -6.92 -15.04
C SER B 102 -3.24 -5.44 -14.74
N GLY B 103 -2.23 -4.73 -14.23
CA GLY B 103 -2.41 -3.30 -13.98
C GLY B 103 -2.45 -2.47 -15.25
N THR B 104 -1.63 -2.82 -16.23
CA THR B 104 -1.77 -2.19 -17.54
C THR B 104 -3.17 -2.41 -18.11
N LYS B 105 -3.70 -3.64 -18.01
CA LYS B 105 -5.00 -3.91 -18.59
C LYS B 105 -6.06 -3.05 -17.89
N SER B 106 -6.06 -3.03 -16.55
CA SER B 106 -7.05 -2.24 -15.84
C SER B 106 -6.87 -0.77 -16.15
N PHE B 107 -5.62 -0.32 -16.19
CA PHE B 107 -5.33 1.09 -16.38
C PHE B 107 -5.71 1.55 -17.78
N MET B 108 -5.39 0.75 -18.80
CA MET B 108 -5.82 1.08 -20.16
C MET B 108 -7.36 1.13 -20.27
N GLU B 109 -8.07 0.30 -19.51
CA GLU B 109 -9.52 0.44 -19.46
C GLU B 109 -9.94 1.73 -18.76
N ALA B 110 -9.36 2.01 -17.61
CA ALA B 110 -9.67 3.27 -16.95
C ALA B 110 -9.43 4.44 -17.91
N LEU B 111 -8.24 4.49 -18.53
CA LEU B 111 -7.96 5.55 -19.50
C LEU B 111 -9.07 5.66 -20.55
N SER B 112 -9.41 4.55 -21.19
CA SER B 112 -10.40 4.62 -22.26
C SER B 112 -11.69 5.22 -21.75
N ALA B 113 -12.06 4.91 -20.50
CA ALA B 113 -13.33 5.33 -19.94
C ALA B 113 -13.25 6.65 -19.19
N GLY B 114 -12.23 7.46 -19.45
CA GLY B 114 -12.19 8.82 -18.92
C GLY B 114 -11.16 9.08 -17.85
N ALA B 115 -10.36 8.09 -17.46
CA ALA B 115 -9.50 8.28 -16.30
C ALA B 115 -8.26 9.08 -16.66
N ASP B 116 -7.71 9.74 -15.66
CA ASP B 116 -6.52 10.55 -15.81
C ASP B 116 -5.25 9.74 -15.64
N VAL B 117 -4.17 10.19 -16.30
CA VAL B 117 -2.85 9.61 -16.12
C VAL B 117 -2.42 9.67 -14.65
N SER B 118 -2.72 10.79 -13.98
CA SER B 118 -2.44 10.90 -12.56
C SER B 118 -2.93 9.74 -11.70
N MET B 119 -3.91 8.97 -12.14
CA MET B 119 -4.43 7.88 -11.32
C MET B 119 -3.64 6.59 -11.48
N ILE B 120 -2.61 6.58 -12.34
CA ILE B 120 -1.90 5.34 -12.67
C ILE B 120 -1.49 4.54 -11.44
N GLY B 121 -1.02 5.24 -10.40
CA GLY B 121 -0.50 4.53 -9.23
C GLY B 121 -1.53 3.63 -8.61
N GLN B 122 -2.81 3.95 -8.76
CA GLN B 122 -3.89 3.14 -8.24
C GLN B 122 -3.92 1.73 -8.83
N PHE B 123 -3.34 1.51 -10.01
CA PHE B 123 -3.32 0.20 -10.65
C PHE B 123 -2.01 -0.54 -10.48
N GLY B 124 -1.15 -0.12 -9.58
CA GLY B 124 0.08 -0.85 -9.30
C GLY B 124 1.16 -0.73 -10.35
N VAL B 125 1.04 0.19 -11.31
CA VAL B 125 2.05 0.39 -12.35
C VAL B 125 2.61 1.81 -12.31
N GLY B 126 2.42 2.53 -11.18
CA GLY B 126 2.91 3.90 -11.11
C GLY B 126 4.37 4.04 -11.53
N PHE B 127 5.15 2.99 -11.41
CA PHE B 127 6.51 3.02 -11.89
C PHE B 127 6.63 3.53 -13.31
N TYR B 128 5.69 3.13 -14.18
CA TYR B 128 5.77 3.55 -15.57
C TYR B 128 5.51 5.04 -15.73
N SER B 129 5.08 5.71 -14.69
CA SER B 129 4.99 7.17 -14.79
C SER B 129 6.35 7.82 -15.01
N LEU B 130 7.46 7.11 -14.84
CA LEU B 130 8.75 7.77 -15.03
C LEU B 130 8.91 8.26 -16.47
N PHE B 131 8.29 7.57 -17.42
CA PHE B 131 8.44 7.94 -18.82
C PHE B 131 7.70 9.22 -19.18
N LEU B 132 7.02 9.85 -18.23
CA LEU B 132 6.59 11.23 -18.44
C LEU B 132 7.81 12.14 -18.59
N VAL B 133 8.89 11.85 -17.86
CA VAL B 133 10.06 12.73 -17.81
C VAL B 133 11.34 12.07 -18.32
N ALA B 134 11.35 10.75 -18.48
CA ALA B 134 12.57 10.04 -18.86
C ALA B 134 12.27 9.22 -20.08
N ASP B 135 13.28 8.97 -20.91
CA ASP B 135 13.16 8.06 -22.04
C ASP B 135 13.90 6.75 -21.82
N HIS B 136 14.55 6.57 -20.67
CA HIS B 136 15.27 5.34 -20.35
C HIS B 136 15.44 5.19 -18.84
N VAL B 137 15.53 3.94 -18.38
CA VAL B 137 15.58 3.67 -16.94
C VAL B 137 16.44 2.43 -16.63
N GLN B 138 17.26 2.58 -15.60
CA GLN B 138 17.98 1.48 -14.98
C GLN B 138 17.44 1.28 -13.58
N VAL B 139 17.27 0.03 -13.17
CA VAL B 139 16.79 -0.28 -11.83
C VAL B 139 17.79 -1.26 -11.24
N ILE B 140 18.57 -0.78 -10.30
CA ILE B 140 19.45 -1.63 -9.49
C ILE B 140 18.69 -2.00 -8.23
N SER B 141 18.61 -3.28 -7.93
CA SER B 141 17.93 -3.68 -6.70
C SER B 141 18.67 -4.86 -6.09
N LYS B 142 18.64 -4.90 -4.75
CA LYS B 142 19.23 -5.96 -3.94
C LYS B 142 18.25 -6.37 -2.85
N HIS B 143 17.82 -7.64 -2.88
CA HIS B 143 16.93 -8.27 -1.88
C HIS B 143 17.77 -9.21 -1.02
N ASN B 144 17.51 -9.22 0.29
CA ASN B 144 18.13 -10.24 1.12
C ASN B 144 17.95 -11.61 0.50
N ASP B 145 19.03 -12.38 0.45
CA ASP B 145 18.98 -13.75 -0.06
C ASP B 145 18.73 -13.77 -1.57
N ASP B 146 19.22 -12.78 -2.28
CA ASP B 146 19.39 -12.87 -3.72
C ASP B 146 20.55 -11.95 -4.06
N GLU B 147 20.96 -11.96 -5.32
CA GLU B 147 22.07 -11.10 -5.71
C GLU B 147 21.55 -9.75 -6.23
N GLN B 148 22.50 -8.90 -6.59
CA GLN B 148 22.17 -7.57 -7.09
C GLN B 148 22.05 -7.64 -8.60
N TYR B 149 20.96 -7.11 -9.14
CA TYR B 149 20.69 -7.17 -10.60
C TYR B 149 20.38 -5.80 -11.05
N VAL B 150 20.29 -5.63 -12.36
CA VAL B 150 19.93 -4.31 -12.95
C VAL B 150 18.85 -4.58 -14.00
N TRP B 151 17.67 -3.99 -13.85
CA TRP B 151 16.58 -4.12 -14.83
C TRP B 151 16.62 -2.90 -15.71
N GLU B 152 16.62 -3.05 -17.01
CA GLU B 152 16.87 -1.90 -17.88
C GLU B 152 15.93 -1.91 -19.05
N SER B 153 15.23 -0.79 -19.26
CA SER B 153 14.33 -0.65 -20.39
C SER B 153 14.32 0.77 -20.92
N ASN B 154 13.98 0.90 -22.20
CA ASN B 154 13.82 2.20 -22.84
C ASN B 154 12.40 2.38 -23.36
N ALA B 155 11.42 1.71 -22.71
CA ALA B 155 10.01 1.67 -23.12
C ALA B 155 9.80 0.79 -24.35
N GLY B 156 10.87 0.24 -24.92
CA GLY B 156 10.90 -0.11 -26.33
C GLY B 156 10.43 -1.51 -26.64
N GLY B 157 9.62 -2.08 -25.76
CA GLY B 157 9.11 -3.40 -26.00
C GLY B 157 10.07 -4.52 -25.67
N LYS B 158 11.34 -4.21 -25.41
CA LYS B 158 12.25 -5.16 -24.76
C LYS B 158 12.78 -4.50 -23.49
N PHE B 159 13.07 -5.34 -22.50
CA PHE B 159 13.86 -4.97 -21.35
C PHE B 159 14.87 -6.07 -21.08
N THR B 160 15.88 -5.73 -20.26
CA THR B 160 16.95 -6.65 -19.93
C THR B 160 17.18 -6.72 -18.43
N VAL B 161 17.72 -7.85 -17.99
CA VAL B 161 18.08 -8.10 -16.61
C VAL B 161 19.46 -8.73 -16.63
N THR B 162 20.39 -8.16 -15.85
CA THR B 162 21.75 -8.63 -15.83
C THR B 162 22.24 -8.64 -14.39
N LEU B 163 22.94 -9.70 -14.01
CA LEU B 163 23.62 -9.72 -12.70
C LEU B 163 24.58 -8.56 -12.59
N ASP B 164 24.61 -7.90 -11.42
CA ASP B 164 25.33 -6.63 -11.28
C ASP B 164 26.74 -6.88 -10.76
N GLU B 165 27.70 -6.85 -11.67
CA GLU B 165 29.10 -7.01 -11.30
C GLU B 165 29.83 -5.72 -11.63
N THR B 166 29.32 -4.59 -11.16
CA THR B 166 29.69 -3.29 -11.69
C THR B 166 29.47 -2.19 -10.68
N ASN B 167 28.20 -2.01 -10.31
CA ASN B 167 27.81 -0.89 -9.48
C ASN B 167 28.30 -1.14 -8.06
N GLU B 168 28.34 -0.06 -7.28
CA GLU B 168 28.47 -0.18 -5.84
C GLU B 168 27.36 -1.07 -5.28
N ARG B 169 27.71 -1.88 -4.29
CA ARG B 169 26.74 -2.72 -3.62
C ARG B 169 25.77 -1.84 -2.84
N LEU B 170 24.47 -2.18 -2.94
CA LEU B 170 23.45 -1.41 -2.22
C LEU B 170 23.30 -1.87 -0.77
N GLY B 171 23.73 -3.09 -0.46
CA GLY B 171 23.38 -3.71 0.81
C GLY B 171 21.98 -4.31 0.77
N ARG B 172 20.98 -3.46 0.61
CA ARG B 172 19.59 -3.86 0.40
C ARG B 172 18.88 -2.63 -0.13
N GLY B 173 18.02 -2.82 -1.10
CA GLY B 173 17.16 -1.73 -1.52
C GLY B 173 17.18 -1.59 -3.03
N THR B 174 16.75 -0.42 -3.48
CA THR B 174 16.55 -0.22 -4.91
C THR B 174 17.09 1.16 -5.26
N MET B 175 17.66 1.27 -6.44
CA MET B 175 18.02 2.57 -6.98
C MET B 175 17.51 2.65 -8.39
N LEU B 176 16.59 3.60 -8.63
CA LEU B 176 16.14 3.95 -9.96
C LEU B 176 17.08 5.01 -10.53
N ARG B 177 17.51 4.82 -11.76
CA ARG B 177 18.25 5.83 -12.49
C ARG B 177 17.42 6.27 -13.66
N LEU B 178 16.96 7.53 -13.64
CA LEU B 178 16.16 8.13 -14.68
C LEU B 178 17.04 8.97 -15.62
N PHE B 179 17.09 8.58 -16.89
CA PHE B 179 17.81 9.34 -17.90
C PHE B 179 16.82 10.36 -18.44
N LEU B 180 16.86 11.56 -17.88
CA LEU B 180 15.83 12.56 -18.13
C LEU B 180 15.80 13.08 -19.57
N LYS B 181 14.57 13.34 -20.04
CA LYS B 181 14.37 13.95 -21.35
C LYS B 181 14.97 15.36 -21.36
N GLU B 182 15.46 15.76 -22.53
CA GLU B 182 16.12 17.06 -22.63
C GLU B 182 15.24 18.20 -22.14
N ASP B 183 13.96 18.20 -22.46
CA ASP B 183 13.08 19.26 -22.00
C ASP B 183 12.63 19.08 -20.54
N GLN B 184 13.18 18.11 -19.81
CA GLN B 184 12.79 17.88 -18.43
C GLN B 184 13.97 17.93 -17.46
N LEU B 185 15.01 18.67 -17.80
CA LEU B 185 16.17 18.75 -16.91
C LEU B 185 15.88 19.53 -15.64
N GLU B 186 14.72 20.17 -15.55
CA GLU B 186 14.43 20.93 -14.34
C GLU B 186 14.42 20.04 -13.09
N TYR B 187 14.26 18.72 -13.23
CA TYR B 187 14.17 17.84 -12.06
C TYR B 187 15.54 17.44 -11.52
N LEU B 188 16.59 18.16 -11.90
CA LEU B 188 17.90 17.99 -11.30
C LEU B 188 18.23 19.14 -10.35
N GLU B 189 17.41 20.16 -10.28
CA GLU B 189 17.65 21.31 -9.43
C GLU B 189 17.02 21.13 -8.06
N GLU B 190 17.83 21.37 -7.04
CA GLU B 190 17.40 21.16 -5.67
C GLU B 190 16.08 21.85 -5.39
N LYS B 191 15.90 23.09 -5.88
CA LYS B 191 14.69 23.85 -5.55
C LYS B 191 13.47 23.21 -6.18
N ARG B 192 13.60 22.76 -7.42
CA ARG B 192 12.50 22.06 -8.07
C ARG B 192 12.16 20.77 -7.30
N ILE B 193 13.16 19.90 -7.12
CA ILE B 193 12.92 18.67 -6.38
C ILE B 193 12.23 18.94 -5.05
N LYS B 194 12.66 19.98 -4.33
CA LYS B 194 12.12 20.19 -2.98
C LYS B 194 10.69 20.71 -3.02
N GLU B 195 10.37 21.59 -3.97
CA GLU B 195 8.98 21.96 -4.15
C GLU B 195 8.14 20.69 -4.33
N VAL B 196 8.45 19.90 -5.38
CA VAL B 196 7.65 18.74 -5.70
C VAL B 196 7.57 17.76 -4.54
N VAL B 197 8.68 17.49 -3.86
CA VAL B 197 8.60 16.57 -2.74
C VAL B 197 7.57 17.04 -1.73
N LYS B 198 7.56 18.33 -1.43
CA LYS B 198 6.70 18.86 -0.39
C LYS B 198 5.26 19.05 -0.84
N LYS B 199 5.01 19.16 -2.13
CA LYS B 199 3.64 19.37 -2.61
C LYS B 199 2.88 18.04 -2.71
N HIS B 200 3.51 17.00 -3.24
CA HIS B 200 2.80 15.78 -3.54
C HIS B 200 3.18 14.63 -2.60
N SER B 201 4.05 14.84 -1.62
CA SER B 201 4.42 13.76 -0.71
C SER B 201 4.39 14.25 0.74
N GLU B 202 3.21 14.74 1.13
CA GLU B 202 3.05 15.43 2.40
C GLU B 202 3.44 14.53 3.57
N PHE B 203 2.94 13.25 3.60
CA PHE B 203 3.37 12.32 4.63
C PHE B 203 3.98 11.02 4.09
N VAL B 204 5.27 10.86 4.34
CA VAL B 204 6.05 9.65 4.09
C VAL B 204 6.76 9.38 5.40
N ALA B 205 6.66 8.13 5.90
CA ALA B 205 7.11 7.86 7.26
C ALA B 205 8.64 7.96 7.41
N TYR B 206 9.39 7.95 6.31
CA TYR B 206 10.84 7.88 6.36
C TYR B 206 11.49 9.16 5.88
N PRO B 207 12.74 9.38 6.26
CA PRO B 207 13.43 10.57 5.79
C PRO B 207 13.60 10.49 4.30
N ILE B 208 13.41 11.61 3.64
CA ILE B 208 13.79 11.82 2.25
C ILE B 208 15.02 12.73 2.23
N GLN B 209 16.17 12.14 1.96
CA GLN B 209 17.41 12.88 1.84
C GLN B 209 17.63 13.29 0.39
N LEU B 210 18.08 14.54 0.22
CA LEU B 210 18.43 15.10 -1.08
C LEU B 210 19.93 15.35 -1.09
N VAL B 211 20.58 14.87 -2.14
CA VAL B 211 22.04 14.81 -2.22
C VAL B 211 22.51 15.82 -3.28
N VAL B 212 22.93 16.99 -2.83
CA VAL B 212 23.14 18.14 -3.70
C VAL B 212 24.63 18.33 -3.91
N THR B 213 25.05 18.38 -5.18
CA THR B 213 26.45 18.56 -5.57
C THR B 213 26.65 19.99 -6.06
N LYS B 214 27.34 20.78 -5.25
CA LYS B 214 27.54 22.20 -5.51
C LYS B 214 29.03 22.50 -5.63
N GLU B 215 29.38 23.34 -6.59
CA GLU B 215 30.76 23.78 -6.68
C GLU B 215 31.05 24.81 -5.59
N VAL B 216 32.22 24.72 -4.98
CA VAL B 216 32.55 25.62 -3.88
C VAL B 216 32.99 26.95 -4.47
N GLU B 217 32.43 28.03 -3.90
CA GLU B 217 32.40 29.36 -4.48
C GLU B 217 33.79 29.95 -4.47
N LYS B 218 34.28 30.37 -5.62
CA LYS B 218 35.58 31.03 -5.75
C LYS B 218 35.46 32.49 -5.32
#